data_8BTZ
#
_entry.id   8BTZ
#
_cell.length_a   1.00
_cell.length_b   1.00
_cell.length_c   1.00
_cell.angle_alpha   90.00
_cell.angle_beta   90.00
_cell.angle_gamma   90.00
#
_symmetry.space_group_name_H-M   'P 1'
#
_entity_poly.entity_id   1
_entity_poly.type   'polyribonucleotide'
_entity_poly.pdbx_seq_one_letter_code
;GGAAUAUCGUCAUGGUGAUUCGUCACCAUGAGGCUAGAUCUCAUAUCUAGCGCUUUCGAGCGCUAGAGUCCUUAUCUAGC
CGGUUUAUACUUUCGAGUGUGAACCCGAUAUUCCGCGGAUCACUAUGAGUCGUUCGCGGCUCAUAGUCCGGCUCAAAGGA
CAUCAUGGCCUGUUCGCAGGUUGUGAUUAUGAGUGAGCCGGGUAAGGCAUACCGUUCGCGGUAUGUCUUACGAUCCGC
;
_entity_poly.pdbx_strand_id   A
#
loop_
_chem_comp.id
_chem_comp.type
_chem_comp.name
_chem_comp.formula
A RNA linking ADENOSINE-5'-MONOPHOSPHATE 'C10 H14 N5 O7 P'
C RNA linking CYTIDINE-5'-MONOPHOSPHATE 'C9 H14 N3 O8 P'
G RNA linking GUANOSINE-5'-MONOPHOSPHATE 'C10 H14 N5 O8 P'
U RNA linking URIDINE-5'-MONOPHOSPHATE 'C9 H13 N2 O9 P'
#